data_8S60
#
_entry.id   8S60
#
_cell.length_a   90.419
_cell.length_b   98.162
_cell.length_c   119.579
_cell.angle_alpha   90.000
_cell.angle_beta   90.000
_cell.angle_gamma   90.000
#
_symmetry.space_group_name_H-M   'C 2 2 21'
#
loop_
_entity.id
_entity.type
_entity.pdbx_description
1 polymer 'Poly [ADP-ribose] polymerase tankyrase-2'
2 polymer 'Poly [ADP-ribose] polymerase tankyrase-2'
3 non-polymer 8-nitro-2-[4-(trifluoromethyl)phenyl]-3H-quinazolin-4-one
4 non-polymer 'ZINC ION'
5 non-polymer 'SULFATE ION'
6 non-polymer GLYCEROL
7 water water
#
loop_
_entity_poly.entity_id
_entity_poly.type
_entity_poly.pdbx_seq_one_letter_code
_entity_poly.pdbx_strand_id
1 'polypeptide(L)'
;SMLNTSGSGTILIDLSPDDKEFQSVEEEMQSTVREHRDGGHAGGIFNRYNILKIQKVCNKKLWERYTHRRKEVSEENHNH
ANERMLFHGSPFVNAIIHKGFDERHAYIGGMFGAGIYFAENSSKSNQYVYGIGGGTGCPVHKDRSCYICHRQLLFCRVTL
GKSFLQFSAMK
;
A,C
2 'polypeptide(L)' MAHSPPGHHSVTGRPSVNGLALAEYVIYRGEQAYPEYLITYQIMRPEG B,D
#
# COMPACT_ATOMS: atom_id res chain seq x y z
N SER A 8 22.33 30.66 -0.61
CA SER A 8 21.96 29.44 -1.41
C SER A 8 21.82 29.79 -2.91
N GLY A 9 21.35 31.00 -3.22
CA GLY A 9 21.06 31.46 -4.59
C GLY A 9 19.56 31.41 -4.90
N THR A 10 18.73 30.92 -3.99
CA THR A 10 17.26 30.81 -4.23
C THR A 10 16.57 32.14 -3.87
N ILE A 11 15.76 32.67 -4.79
CA ILE A 11 14.76 33.71 -4.45
C ILE A 11 13.36 33.15 -4.72
N LEU A 12 12.39 33.55 -3.91
CA LEU A 12 10.94 33.24 -4.09
C LEU A 12 10.23 34.49 -4.60
N ILE A 13 9.60 34.38 -5.76
CA ILE A 13 8.77 35.47 -6.36
C ILE A 13 7.29 35.14 -6.21
N ASP A 14 6.57 35.98 -5.47
CA ASP A 14 5.11 35.88 -5.26
C ASP A 14 4.39 36.04 -6.60
N LEU A 15 3.46 35.15 -6.91
CA LEU A 15 2.56 35.33 -8.06
C LEU A 15 1.30 36.02 -7.56
N SER A 16 0.80 36.97 -8.36
CA SER A 16 -0.51 37.62 -8.11
C SER A 16 -1.62 36.61 -8.42
N PRO A 17 -2.70 36.56 -7.60
CA PRO A 17 -3.87 35.75 -7.94
C PRO A 17 -4.48 36.05 -9.32
N ASP A 18 -4.22 37.24 -9.87
CA ASP A 18 -4.71 37.67 -11.21
C ASP A 18 -3.82 37.11 -12.31
N ASP A 19 -2.65 36.56 -11.98
CA ASP A 19 -1.67 36.04 -12.96
C ASP A 19 -2.19 34.69 -13.48
N LYS A 20 -2.16 34.48 -14.80
CA LYS A 20 -2.66 33.22 -15.42
C LYS A 20 -1.87 32.01 -14.87
N GLU A 21 -0.59 32.21 -14.56
CA GLU A 21 0.30 31.18 -13.99
C GLU A 21 -0.21 30.79 -12.59
N PHE A 22 -0.60 31.76 -11.78
CA PHE A 22 -1.17 31.49 -10.43
C PHE A 22 -2.42 30.63 -10.64
N GLN A 23 -3.28 31.05 -11.56
CA GLN A 23 -4.59 30.41 -11.77
C GLN A 23 -4.42 28.98 -12.30
N SER A 24 -3.46 28.71 -13.19
CA SER A 24 -3.30 27.34 -13.77
C SER A 24 -2.69 26.41 -12.70
N VAL A 25 -1.79 26.91 -11.85
CA VAL A 25 -1.18 26.11 -10.76
C VAL A 25 -2.27 25.83 -9.70
N GLU A 26 -3.05 26.84 -9.30
CA GLU A 26 -4.18 26.63 -8.35
C GLU A 26 -5.13 25.57 -8.93
N GLU A 27 -5.49 25.63 -10.21
CA GLU A 27 -6.47 24.66 -10.78
C GLU A 27 -5.90 23.23 -10.66
N GLU A 28 -4.62 23.03 -10.93
CA GLU A 28 -4.01 21.68 -10.87
C GLU A 28 -4.04 21.17 -9.42
N MET A 29 -3.70 22.03 -8.46
CA MET A 29 -3.81 21.72 -7.01
C MET A 29 -5.26 21.31 -6.66
N GLN A 30 -6.25 22.12 -7.03
CA GLN A 30 -7.64 21.91 -6.55
C GLN A 30 -8.25 20.70 -7.26
N SER A 31 -7.97 20.52 -8.55
CA SER A 31 -8.68 19.54 -9.41
C SER A 31 -8.16 18.13 -9.15
N THR A 32 -7.00 17.98 -8.51
CA THR A 32 -6.36 16.66 -8.29
C THR A 32 -6.52 16.19 -6.82
N VAL A 33 -7.41 16.80 -6.06
CA VAL A 33 -7.83 16.26 -4.72
C VAL A 33 -8.66 14.99 -4.97
N ARG A 34 -8.36 13.92 -4.24
CA ARG A 34 -9.25 12.74 -4.18
C ARG A 34 -9.42 12.30 -2.72
N GLU A 35 -10.33 11.37 -2.51
CA GLU A 35 -10.52 10.65 -1.23
C GLU A 35 -9.43 9.58 -1.15
N HIS A 36 -8.93 9.37 0.06
CA HIS A 36 -7.84 8.42 0.34
C HIS A 36 -8.38 7.26 1.16
N ARG A 37 -7.71 6.11 1.02
CA ARG A 37 -8.16 4.81 1.61
C ARG A 37 -8.05 4.87 3.13
N ASP A 38 -7.26 5.81 3.68
CA ASP A 38 -7.10 5.99 5.14
C ASP A 38 -8.21 6.89 5.71
N GLY A 39 -9.20 7.28 4.92
CA GLY A 39 -10.31 8.16 5.34
C GLY A 39 -9.83 9.50 5.89
N GLY A 40 -8.64 9.96 5.54
CA GLY A 40 -8.08 11.24 6.00
C GLY A 40 -7.13 11.12 7.17
N HIS A 41 -6.75 9.92 7.59
CA HIS A 41 -5.84 9.70 8.76
C HIS A 41 -4.52 10.48 8.58
N ALA A 42 -3.87 10.34 7.42
CA ALA A 42 -2.51 10.89 7.18
C ALA A 42 -2.60 12.38 6.87
N GLY A 43 -3.47 12.80 5.95
CA GLY A 43 -3.48 14.15 5.35
C GLY A 43 -4.61 15.04 5.85
N GLY A 44 -5.57 14.48 6.56
CA GLY A 44 -6.74 15.21 7.06
C GLY A 44 -7.95 15.03 6.17
N ILE A 45 -9.10 15.49 6.65
CA ILE A 45 -10.40 15.37 5.92
C ILE A 45 -10.68 16.71 5.23
N PHE A 46 -10.80 16.68 3.89
CA PHE A 46 -11.05 17.89 3.05
C PHE A 46 -11.35 17.48 1.61
N ASN A 47 -12.04 18.36 0.89
CA ASN A 47 -12.34 18.21 -0.54
C ASN A 47 -11.61 19.29 -1.34
N ARG A 48 -11.09 20.32 -0.69
CA ARG A 48 -10.47 21.46 -1.38
C ARG A 48 -9.55 22.21 -0.42
N TYR A 49 -8.75 23.11 -0.99
CA TYR A 49 -7.75 23.91 -0.26
C TYR A 49 -8.16 25.39 -0.27
N ASN A 50 -7.71 26.09 0.75
CA ASN A 50 -7.59 27.56 0.75
C ASN A 50 -6.14 27.90 0.35
N ILE A 51 -5.93 28.35 -0.88
CA ILE A 51 -4.58 28.69 -1.38
C ILE A 51 -4.23 30.08 -0.84
N LEU A 52 -3.15 30.18 -0.09
CA LEU A 52 -2.75 31.47 0.57
C LEU A 52 -1.74 32.17 -0.33
N LYS A 53 -0.83 31.41 -0.93
CA LYS A 53 0.29 31.98 -1.69
C LYS A 53 0.81 30.95 -2.70
N ILE A 54 1.19 31.42 -3.88
CA ILE A 54 2.02 30.63 -4.83
C ILE A 54 3.27 31.45 -5.17
N GLN A 55 4.45 30.90 -4.93
CA GLN A 55 5.75 31.52 -5.27
C GLN A 55 6.49 30.70 -6.31
N LYS A 56 7.11 31.40 -7.27
CA LYS A 56 8.07 30.82 -8.23
C LYS A 56 9.41 30.68 -7.50
N VAL A 57 10.01 29.50 -7.59
CA VAL A 57 11.32 29.18 -6.97
C VAL A 57 12.36 29.44 -8.06
N CYS A 58 13.23 30.41 -7.85
CA CYS A 58 14.25 30.84 -8.86
C CYS A 58 15.64 30.57 -8.31
N ASN A 59 16.36 29.65 -8.94
CA ASN A 59 17.76 29.31 -8.59
C ASN A 59 18.48 28.88 -9.88
N LYS A 60 19.36 29.75 -10.38
CA LYS A 60 20.04 29.56 -11.69
C LYS A 60 20.84 28.23 -11.65
N LYS A 61 21.59 28.02 -10.59
CA LYS A 61 22.45 26.83 -10.40
C LYS A 61 21.60 25.55 -10.39
N LEU A 62 20.51 25.51 -9.60
CA LEU A 62 19.64 24.31 -9.52
C LEU A 62 18.95 24.09 -10.87
N TRP A 63 18.59 25.16 -11.57
CA TRP A 63 17.91 25.08 -12.89
C TRP A 63 18.88 24.47 -13.92
N GLU A 64 20.14 24.88 -13.87
CA GLU A 64 21.17 24.40 -14.84
C GLU A 64 21.48 22.93 -14.54
N ARG A 65 21.50 22.55 -13.27
CA ARG A 65 21.64 21.13 -12.81
C ARG A 65 20.49 20.30 -13.42
N TYR A 66 19.26 20.76 -13.28
CA TYR A 66 18.07 20.08 -13.87
C TYR A 66 18.20 19.97 -15.40
N THR A 67 18.46 21.06 -16.12
CA THR A 67 18.46 21.07 -17.62
C THR A 67 19.62 20.23 -18.18
N HIS A 68 20.75 20.18 -17.48
CA HIS A 68 21.90 19.32 -17.87
C HIS A 68 21.45 17.86 -17.83
N ARG A 69 20.81 17.44 -16.73
CA ARG A 69 20.37 16.03 -16.55
C ARG A 69 19.26 15.75 -17.59
N ARG A 70 18.39 16.72 -17.83
CA ARG A 70 17.25 16.55 -18.76
C ARG A 70 17.77 16.26 -20.17
N LYS A 71 18.82 16.96 -20.60
CA LYS A 71 19.46 16.73 -21.92
C LYS A 71 20.08 15.31 -21.97
N GLU A 72 20.76 14.88 -20.92
CA GLU A 72 21.34 13.51 -20.87
C GLU A 72 20.23 12.45 -21.03
N VAL A 73 19.14 12.57 -20.26
CA VAL A 73 17.99 11.62 -20.36
C VAL A 73 17.39 11.65 -21.78
N SER A 74 17.11 12.85 -22.28
CA SER A 74 16.50 13.09 -23.61
C SER A 74 17.34 12.39 -24.69
N GLU A 75 18.67 12.54 -24.64
CA GLU A 75 19.55 11.96 -25.68
C GLU A 75 19.56 10.43 -25.57
N GLU A 76 19.26 9.85 -24.41
CA GLU A 76 19.15 8.37 -24.16
C GLU A 76 17.75 7.84 -24.54
N ASN A 77 16.82 8.72 -24.94
CA ASN A 77 15.39 8.36 -25.10
C ASN A 77 14.81 9.07 -26.31
N HIS A 78 15.47 8.96 -27.48
CA HIS A 78 14.97 9.49 -28.77
C HIS A 78 14.50 10.94 -28.61
N ASN A 79 15.30 11.79 -27.95
CA ASN A 79 15.04 13.25 -27.79
CA ASN A 79 15.06 13.25 -27.76
C ASN A 79 13.70 13.48 -27.07
N HIS A 80 13.39 12.64 -26.09
CA HIS A 80 12.14 12.75 -25.29
C HIS A 80 12.48 12.69 -23.79
N ALA A 81 12.43 13.83 -23.12
CA ALA A 81 12.66 13.92 -21.65
C ALA A 81 11.51 13.29 -20.89
N ASN A 82 10.31 13.25 -21.47
CA ASN A 82 9.07 12.78 -20.80
C ASN A 82 8.92 13.59 -19.51
N GLU A 83 8.85 14.90 -19.67
CA GLU A 83 8.78 15.86 -18.56
C GLU A 83 7.33 16.02 -18.09
N ARG A 84 7.13 15.96 -16.78
CA ARG A 84 5.78 16.13 -16.16
C ARG A 84 5.84 17.25 -15.11
N MET A 85 4.70 17.82 -14.75
CA MET A 85 4.56 18.70 -13.55
C MET A 85 3.82 17.90 -12.48
N LEU A 86 4.48 17.67 -11.33
CA LEU A 86 4.00 16.72 -10.30
C LEU A 86 4.15 17.37 -8.93
N PHE A 87 3.33 16.92 -7.99
CA PHE A 87 3.41 17.42 -6.59
C PHE A 87 4.44 16.64 -5.79
N HIS A 88 4.99 17.33 -4.79
CA HIS A 88 5.89 16.73 -3.80
C HIS A 88 5.59 17.37 -2.45
N GLY A 89 5.27 16.52 -1.49
CA GLY A 89 5.08 16.94 -0.09
C GLY A 89 6.18 16.36 0.75
N SER A 90 6.77 17.13 1.67
CA SER A 90 7.93 16.68 2.46
C SER A 90 8.10 17.57 3.67
N PRO A 91 8.57 17.02 4.80
CA PRO A 91 9.00 17.89 5.90
C PRO A 91 10.24 18.70 5.52
N PHE A 92 10.90 18.38 4.40
CA PHE A 92 12.19 19.02 4.00
C PHE A 92 12.01 20.03 2.87
N VAL A 93 10.78 20.52 2.66
CA VAL A 93 10.47 21.48 1.56
C VAL A 93 11.40 22.70 1.65
N ASN A 94 11.74 23.18 2.84
CA ASN A 94 12.61 24.39 2.94
C ASN A 94 14.06 24.05 2.54
N ALA A 95 14.60 22.87 2.86
CA ALA A 95 15.92 22.43 2.37
C ALA A 95 15.90 22.18 0.85
N ILE A 96 14.78 21.68 0.31
CA ILE A 96 14.72 21.36 -1.15
C ILE A 96 14.80 22.66 -1.96
N ILE A 97 14.08 23.70 -1.58
CA ILE A 97 14.02 24.94 -2.40
C ILE A 97 15.39 25.66 -2.36
N HIS A 98 16.23 25.42 -1.36
CA HIS A 98 17.57 26.06 -1.21
C HIS A 98 18.68 25.21 -1.85
N LYS A 99 18.67 23.88 -1.66
CA LYS A 99 19.81 22.99 -2.03
C LYS A 99 19.42 22.01 -3.15
N GLY A 100 18.14 21.92 -3.51
CA GLY A 100 17.66 20.99 -4.55
C GLY A 100 17.31 19.65 -3.95
N PHE A 101 16.85 18.72 -4.78
CA PHE A 101 16.57 17.33 -4.34
C PHE A 101 17.89 16.57 -4.32
N ASP A 102 18.10 15.73 -3.30
CA ASP A 102 19.24 14.78 -3.21
C ASP A 102 18.81 13.58 -2.36
N GLU A 103 19.71 12.61 -2.14
CA GLU A 103 19.44 11.32 -1.42
C GLU A 103 18.80 11.55 -0.04
N ARG A 104 19.02 12.71 0.59
CA ARG A 104 18.44 13.04 1.92
C ARG A 104 16.93 13.27 1.83
N HIS A 105 16.37 13.42 0.62
CA HIS A 105 14.92 13.67 0.39
C HIS A 105 14.24 12.40 -0.11
N ALA A 106 14.99 11.29 -0.17
CA ALA A 106 14.51 9.96 -0.61
C ALA A 106 13.60 9.38 0.49
N TYR A 107 12.69 8.52 0.08
CA TYR A 107 11.81 7.74 0.96
C TYR A 107 12.35 6.30 0.96
N ILE A 108 13.19 5.97 1.95
CA ILE A 108 13.96 4.69 2.00
C ILE A 108 12.96 3.53 1.94
N GLY A 109 11.85 3.66 2.67
CA GLY A 109 10.83 2.61 2.81
C GLY A 109 9.70 2.72 1.79
N GLY A 110 9.84 3.47 0.70
CA GLY A 110 8.77 3.59 -0.31
C GLY A 110 8.47 2.26 -1.01
N MET A 111 7.28 2.12 -1.59
CA MET A 111 6.77 0.89 -2.29
C MET A 111 7.70 0.50 -3.45
N PHE A 112 8.43 1.45 -4.04
CA PHE A 112 9.31 1.23 -5.22
C PHE A 112 10.77 1.47 -4.84
N GLY A 113 11.11 1.22 -3.57
CA GLY A 113 12.50 1.32 -3.08
C GLY A 113 12.90 2.76 -2.81
N ALA A 114 14.15 2.96 -2.41
CA ALA A 114 14.70 4.23 -1.90
C ALA A 114 14.81 5.21 -3.07
N GLY A 115 13.83 6.09 -3.21
CA GLY A 115 13.84 7.13 -4.24
C GLY A 115 13.09 8.36 -3.80
N ILE A 116 12.89 9.28 -4.74
CA ILE A 116 12.17 10.54 -4.46
C ILE A 116 10.82 10.42 -5.16
N TYR A 117 9.75 10.50 -4.37
CA TYR A 117 8.37 10.18 -4.78
C TYR A 117 7.64 11.47 -5.14
N PHE A 118 6.86 11.42 -6.21
CA PHE A 118 6.01 12.52 -6.70
C PHE A 118 4.62 11.98 -6.99
N ALA A 119 3.62 12.86 -6.99
CA ALA A 119 2.22 12.44 -7.18
C ALA A 119 1.53 13.35 -8.20
N GLU A 120 0.64 12.75 -8.99
CA GLU A 120 -0.36 13.48 -9.80
C GLU A 120 -1.44 14.07 -8.90
N ASN A 121 -1.84 13.37 -7.85
CA ASN A 121 -2.88 13.83 -6.89
C ASN A 121 -2.22 14.74 -5.84
N SER A 122 -2.55 16.02 -5.84
CA SER A 122 -2.04 16.96 -4.80
C SER A 122 -2.36 16.41 -3.39
N SER A 123 -3.51 15.75 -3.19
CA SER A 123 -3.94 15.22 -1.86
C SER A 123 -3.05 14.05 -1.43
N LYS A 124 -2.47 13.30 -2.38
CA LYS A 124 -1.44 12.27 -2.04
C LYS A 124 -0.19 12.95 -1.45
N SER A 125 0.38 13.94 -2.13
CA SER A 125 1.54 14.71 -1.59
C SER A 125 1.18 15.36 -0.25
N ASN A 126 -0.06 15.81 -0.07
CA ASN A 126 -0.51 16.44 1.19
C ASN A 126 -0.31 15.46 2.37
N GLN A 127 -0.37 14.16 2.14
CA GLN A 127 -0.22 13.15 3.22
C GLN A 127 1.19 13.16 3.81
N TYR A 128 2.19 13.75 3.15
CA TYR A 128 3.62 13.68 3.56
C TYR A 128 4.16 15.01 4.08
N VAL A 129 3.33 16.04 4.13
CA VAL A 129 3.76 17.42 4.52
C VAL A 129 4.36 17.38 5.93
N TYR A 130 3.73 16.64 6.83
CA TYR A 130 4.13 16.54 8.26
C TYR A 130 4.88 15.23 8.52
N GLY A 131 5.34 14.55 7.46
CA GLY A 131 6.20 13.35 7.56
C GLY A 131 5.51 12.11 7.01
N ILE A 132 6.18 10.96 7.08
CA ILE A 132 5.62 9.66 6.61
C ILE A 132 4.30 9.40 7.35
N GLY A 133 3.23 9.06 6.63
CA GLY A 133 1.89 8.82 7.19
C GLY A 133 1.35 10.04 7.93
N GLY A 134 1.86 11.23 7.64
CA GLY A 134 1.46 12.48 8.31
C GLY A 134 2.17 12.70 9.63
N GLY A 135 3.12 11.83 10.02
CA GLY A 135 3.86 11.92 11.29
C GLY A 135 2.92 12.13 12.46
N THR A 136 3.13 13.16 13.28
CA THR A 136 2.24 13.53 14.40
C THR A 136 1.42 14.79 14.05
N GLY A 137 1.32 15.14 12.78
CA GLY A 137 0.50 16.27 12.32
C GLY A 137 1.21 17.59 12.57
N CYS A 138 0.48 18.70 12.59
CA CYS A 138 1.05 20.07 12.64
C CYS A 138 1.91 20.19 13.90
N PRO A 139 3.06 20.90 13.89
CA PRO A 139 3.86 21.04 15.11
C PRO A 139 3.16 21.82 16.23
N VAL A 140 2.18 22.66 15.92
CA VAL A 140 1.49 23.53 16.93
C VAL A 140 0.42 22.72 17.68
N HIS A 141 -0.47 22.00 16.98
CA HIS A 141 -1.64 21.32 17.59
C HIS A 141 -1.52 19.78 17.57
N LYS A 142 -0.45 19.23 16.97
CA LYS A 142 -0.27 17.75 16.82
C LYS A 142 -1.49 17.15 16.11
N ASP A 143 -2.03 17.85 15.11
CA ASP A 143 -3.27 17.46 14.40
C ASP A 143 -2.95 17.21 12.92
N ARG A 144 -3.06 15.97 12.45
CA ARG A 144 -2.89 15.61 11.01
C ARG A 144 -4.01 16.25 10.17
N SER A 145 -5.17 16.56 10.75
CA SER A 145 -6.29 17.22 10.04
C SER A 145 -6.39 18.70 10.44
N CYS A 146 -5.29 19.33 10.83
CA CYS A 146 -5.33 20.75 11.27
C CYS A 146 -5.83 21.61 10.11
N TYR A 147 -6.85 22.42 10.39
CA TYR A 147 -7.46 23.36 9.42
C TYR A 147 -6.91 24.78 9.62
N ILE A 148 -6.07 25.00 10.62
CA ILE A 148 -5.56 26.36 10.97
C ILE A 148 -4.14 26.50 10.41
N CYS A 149 -3.27 25.55 10.69
CA CYS A 149 -1.81 25.69 10.38
C CYS A 149 -1.62 25.72 8.86
N HIS A 150 -0.68 26.56 8.42
CA HIS A 150 -0.26 26.75 7.02
C HIS A 150 0.60 25.56 6.58
N ARG A 151 0.27 25.00 5.42
CA ARG A 151 0.99 23.85 4.82
C ARG A 151 1.67 24.33 3.55
N GLN A 152 2.73 23.64 3.16
CA GLN A 152 3.45 23.90 1.89
C GLN A 152 3.62 22.61 1.10
N LEU A 153 3.37 22.69 -0.21
CA LEU A 153 3.65 21.63 -1.21
C LEU A 153 4.55 22.24 -2.28
N LEU A 154 5.32 21.40 -2.96
CA LEU A 154 6.05 21.79 -4.19
C LEU A 154 5.29 21.28 -5.41
N PHE A 155 5.20 22.11 -6.45
CA PHE A 155 4.77 21.67 -7.80
C PHE A 155 6.02 21.72 -8.66
N CYS A 156 6.45 20.54 -9.11
CA CYS A 156 7.84 20.31 -9.56
C CYS A 156 7.85 19.91 -11.03
N ARG A 157 8.91 20.28 -11.70
CA ARG A 157 9.19 19.84 -13.09
C ARG A 157 10.03 18.58 -12.95
N VAL A 158 9.56 17.46 -13.51
CA VAL A 158 10.18 16.13 -13.26
C VAL A 158 10.46 15.45 -14.60
N THR A 159 11.70 15.04 -14.81
CA THR A 159 12.11 14.28 -16.01
C THR A 159 11.88 12.79 -15.71
N LEU A 160 10.99 12.13 -16.45
CA LEU A 160 10.78 10.68 -16.21
C LEU A 160 11.63 9.82 -17.16
N GLY A 161 11.99 10.35 -18.33
CA GLY A 161 12.57 9.58 -19.43
C GLY A 161 11.78 8.29 -19.67
N LYS A 162 12.51 7.19 -19.85
CA LYS A 162 11.93 5.84 -20.00
C LYS A 162 11.53 5.34 -18.62
N SER A 163 10.23 5.27 -18.35
CA SER A 163 9.70 4.94 -17.01
C SER A 163 9.30 3.46 -16.96
N PHE A 164 9.72 2.78 -15.91
CA PHE A 164 9.36 1.36 -15.62
C PHE A 164 7.95 1.33 -15.02
N LEU A 165 7.02 0.63 -15.69
CA LEU A 165 5.59 0.57 -15.30
C LEU A 165 5.40 -0.53 -14.25
N GLN A 166 5.02 -0.14 -13.04
CA GLN A 166 4.69 -1.07 -11.93
C GLN A 166 3.17 -0.99 -11.71
N PHE A 167 2.43 -2.09 -11.93
CA PHE A 167 0.98 -2.18 -11.66
C PHE A 167 0.85 -2.51 -10.17
N SER A 168 0.06 -1.76 -9.41
CA SER A 168 0.10 -1.80 -7.93
C SER A 168 -1.29 -2.12 -7.34
N ALA A 169 -1.64 -3.41 -7.30
CA ALA A 169 -2.86 -3.96 -6.64
C ALA A 169 -2.52 -4.25 -5.18
N MET B 1 20.00 5.88 -1.56
CA MET B 1 19.09 5.91 -2.74
C MET B 1 19.44 4.77 -3.70
N ALA B 2 18.44 3.98 -4.13
CA ALA B 2 18.57 2.83 -5.05
C ALA B 2 18.83 3.33 -6.48
N HIS B 3 18.93 2.43 -7.46
CA HIS B 3 18.99 2.75 -8.90
C HIS B 3 17.61 2.50 -9.53
N SER B 4 17.27 3.20 -10.61
CA SER B 4 16.10 2.87 -11.45
C SER B 4 16.37 1.50 -12.08
N PRO B 5 15.33 0.72 -12.44
CA PRO B 5 15.56 -0.56 -13.12
C PRO B 5 16.45 -0.40 -14.34
N PRO B 6 17.34 -1.39 -14.65
CA PRO B 6 18.20 -1.30 -15.82
C PRO B 6 17.45 -0.85 -17.08
N GLY B 7 18.01 0.14 -17.80
CA GLY B 7 17.46 0.71 -19.05
C GLY B 7 16.33 1.71 -18.82
N HIS B 8 16.09 2.16 -17.57
CA HIS B 8 14.97 3.07 -17.21
C HIS B 8 15.48 4.28 -16.39
N HIS B 9 14.76 5.39 -16.45
CA HIS B 9 15.16 6.65 -15.76
C HIS B 9 14.28 6.94 -14.54
N SER B 10 13.20 6.18 -14.38
CA SER B 10 12.17 6.40 -13.35
C SER B 10 11.31 5.16 -13.20
N VAL B 11 10.44 5.16 -12.18
CA VAL B 11 9.38 4.15 -11.99
C VAL B 11 8.03 4.87 -11.93
N THR B 12 7.04 4.30 -12.59
CA THR B 12 5.62 4.74 -12.55
C THR B 12 4.84 3.72 -11.73
N GLY B 13 4.21 4.17 -10.65
CA GLY B 13 3.27 3.37 -9.85
C GLY B 13 1.87 3.55 -10.41
N ARG B 14 1.40 2.58 -11.20
CA ARG B 14 0.05 2.69 -11.82
C ARG B 14 -1.02 2.25 -10.82
N PRO B 15 -2.06 3.09 -10.60
CA PRO B 15 -3.16 2.72 -9.70
C PRO B 15 -3.83 1.45 -10.27
N SER B 16 -4.14 0.46 -9.44
CA SER B 16 -4.48 -0.92 -9.89
C SER B 16 -5.61 -1.57 -9.08
N VAL B 17 -6.28 -0.82 -8.19
CA VAL B 17 -7.47 -1.26 -7.39
C VAL B 17 -8.44 -0.07 -7.29
N ASN B 18 -7.95 1.01 -6.67
CA ASN B 18 -8.61 2.35 -6.62
C ASN B 18 -8.67 2.92 -8.03
N GLY B 19 -9.86 2.77 -8.65
CA GLY B 19 -10.20 3.32 -9.98
C GLY B 19 -10.04 4.83 -10.05
N LEU B 20 -10.06 5.55 -8.93
CA LEU B 20 -10.02 7.05 -8.95
C LEU B 20 -8.59 7.58 -8.77
N ALA B 21 -7.64 6.77 -8.31
CA ALA B 21 -6.29 7.25 -7.94
C ALA B 21 -5.53 7.59 -9.22
N LEU B 22 -4.76 8.68 -9.19
CA LEU B 22 -3.79 8.97 -10.28
C LEU B 22 -2.45 8.34 -9.94
N ALA B 23 -1.55 8.33 -10.91
CA ALA B 23 -0.21 7.73 -10.84
C ALA B 23 0.67 8.45 -9.82
N GLU B 24 1.65 7.70 -9.32
CA GLU B 24 2.78 8.17 -8.51
C GLU B 24 4.06 7.81 -9.27
N TYR B 25 5.12 8.56 -9.04
CA TYR B 25 6.38 8.43 -9.82
C TYR B 25 7.55 8.46 -8.85
N VAL B 26 8.62 7.78 -9.24
CA VAL B 26 9.85 7.71 -8.41
C VAL B 26 11.03 7.96 -9.32
N ILE B 27 11.86 8.91 -8.90
CA ILE B 27 13.18 9.14 -9.54
C ILE B 27 14.26 8.78 -8.51
N TYR B 28 15.45 8.47 -9.02
CA TYR B 28 16.57 7.95 -8.21
C TYR B 28 17.78 8.90 -8.33
N ARG B 29 17.61 10.03 -9.02
CA ARG B 29 18.62 11.10 -9.16
C ARG B 29 17.90 12.42 -8.86
N GLY B 30 18.35 13.13 -7.82
CA GLY B 30 17.81 14.45 -7.44
C GLY B 30 17.83 15.46 -8.58
N GLU B 31 18.77 15.33 -9.52
CA GLU B 31 18.91 16.25 -10.68
C GLU B 31 17.73 16.14 -11.63
N GLN B 32 16.91 15.07 -11.56
CA GLN B 32 15.77 14.86 -12.47
C GLN B 32 14.51 15.57 -11.98
N ALA B 33 14.57 16.47 -11.00
CA ALA B 33 13.42 17.28 -10.59
C ALA B 33 13.87 18.69 -10.24
N TYR B 34 13.05 19.67 -10.60
CA TYR B 34 13.25 21.07 -10.19
C TYR B 34 12.02 21.56 -9.42
N PRO B 35 12.16 22.11 -8.19
CA PRO B 35 11.00 22.55 -7.40
C PRO B 35 10.50 23.91 -7.85
N GLU B 36 9.63 23.96 -8.84
CA GLU B 36 9.33 25.18 -9.62
C GLU B 36 8.39 26.12 -8.87
N TYR B 37 7.38 25.58 -8.19
CA TYR B 37 6.41 26.38 -7.41
C TYR B 37 6.32 25.89 -5.97
N LEU B 38 6.33 26.87 -5.07
CA LEU B 38 6.03 26.66 -3.63
C LEU B 38 4.62 27.19 -3.36
N ILE B 39 3.74 26.28 -2.96
CA ILE B 39 2.30 26.57 -2.72
C ILE B 39 2.08 26.54 -1.21
N THR B 40 1.62 27.67 -0.65
CA THR B 40 1.25 27.77 0.78
C THR B 40 -0.28 27.71 0.88
N TYR B 41 -0.81 26.85 1.74
CA TYR B 41 -2.26 26.54 1.78
C TYR B 41 -2.69 26.04 3.15
N GLN B 42 -4.01 26.03 3.34
CA GLN B 42 -4.72 25.26 4.38
C GLN B 42 -5.64 24.25 3.69
N ILE B 43 -5.81 23.07 4.31
CA ILE B 43 -6.94 22.19 3.93
C ILE B 43 -8.21 22.83 4.49
N MET B 44 -9.34 22.67 3.82
CA MET B 44 -10.61 23.31 4.26
C MET B 44 -11.55 22.25 4.84
N ARG B 45 -12.14 22.53 6.01
CA ARG B 45 -13.16 21.65 6.62
C ARG B 45 -14.37 21.59 5.69
N PRO B 46 -14.83 20.40 5.24
CA PRO B 46 -16.00 20.27 4.37
C PRO B 46 -17.31 20.91 4.87
N SER C 8 -18.79 1.30 2.04
CA SER C 8 -18.40 0.09 2.82
C SER C 8 -18.25 0.44 4.30
N GLY C 9 -17.54 1.55 4.57
CA GLY C 9 -17.15 2.01 5.92
C GLY C 9 -15.73 1.60 6.28
N THR C 10 -14.96 1.02 5.35
CA THR C 10 -13.60 0.50 5.69
C THR C 10 -12.57 1.60 5.49
N ILE C 11 -11.68 1.80 6.45
CA ILE C 11 -10.45 2.62 6.26
C ILE C 11 -9.23 1.72 6.52
N LEU C 12 -8.15 2.00 5.79
CA LEU C 12 -6.85 1.30 5.89
C LEU C 12 -5.86 2.27 6.50
N ILE C 13 -5.26 1.88 7.62
CA ILE C 13 -4.25 2.70 8.36
C ILE C 13 -2.90 2.05 8.15
N ASP C 14 -1.96 2.78 7.57
CA ASP C 14 -0.57 2.27 7.34
C ASP C 14 0.11 2.11 8.70
N LEU C 15 0.75 0.97 8.93
CA LEU C 15 1.63 0.77 10.11
C LEU C 15 3.04 1.17 9.71
N SER C 16 3.75 1.83 10.62
CA SER C 16 5.16 2.21 10.45
C SER C 16 6.02 0.96 10.57
N PRO C 17 7.03 0.75 9.70
CA PRO C 17 7.99 -0.32 9.89
C PRO C 17 8.73 -0.29 11.23
N ASP C 18 8.79 0.88 11.89
CA ASP C 18 9.46 1.08 13.19
C ASP C 18 8.57 0.65 14.36
N ASP C 19 7.29 0.34 14.09
CA ASP C 19 6.22 -0.06 15.05
C ASP C 19 6.32 -1.56 15.34
N LYS C 20 6.32 -1.96 16.61
CA LYS C 20 6.32 -3.40 17.01
C LYS C 20 5.19 -4.16 16.31
N GLU C 21 4.01 -3.56 16.14
CA GLU C 21 2.87 -4.25 15.50
C GLU C 21 3.24 -4.67 14.06
N PHE C 22 3.82 -3.77 13.28
CA PHE C 22 4.30 -4.07 11.90
C PHE C 22 5.29 -5.23 11.98
N GLN C 23 6.24 -5.12 12.91
CA GLN C 23 7.37 -6.07 13.02
C GLN C 23 6.85 -7.46 13.38
N SER C 24 5.83 -7.52 14.24
CA SER C 24 5.18 -8.78 14.69
C SER C 24 4.49 -9.45 13.49
N VAL C 25 3.79 -8.67 12.68
CA VAL C 25 3.08 -9.23 11.50
C VAL C 25 4.12 -9.68 10.46
N GLU C 26 5.15 -8.87 10.18
CA GLU C 26 6.19 -9.27 9.22
C GLU C 26 6.85 -10.57 9.69
N GLU C 27 7.14 -10.71 10.98
CA GLU C 27 7.84 -11.92 11.48
C GLU C 27 6.92 -13.16 11.34
N GLU C 28 5.62 -13.02 11.55
CA GLU C 28 4.67 -14.13 11.33
C GLU C 28 4.65 -14.51 9.83
N MET C 29 4.65 -13.53 8.92
CA MET C 29 4.79 -13.82 7.46
C MET C 29 6.07 -14.60 7.16
N GLN C 30 7.22 -14.05 7.53
CA GLN C 30 8.55 -14.56 7.12
C GLN C 30 8.81 -15.92 7.79
N SER C 31 8.42 -16.08 9.05
CA SER C 31 8.75 -17.30 9.84
C SER C 31 7.88 -18.48 9.43
N THR C 32 6.77 -18.26 8.69
CA THR C 32 5.84 -19.37 8.31
C THR C 32 5.93 -19.69 6.81
N VAL C 33 6.99 -19.27 6.12
CA VAL C 33 7.27 -19.77 4.75
C VAL C 33 7.75 -21.22 4.86
N ARG C 34 7.23 -22.12 4.03
CA ARG C 34 7.79 -23.48 3.91
C ARG C 34 7.92 -23.84 2.44
N GLU C 35 8.55 -24.98 2.18
CA GLU C 35 8.55 -25.62 0.85
C GLU C 35 7.20 -26.27 0.61
N HIS C 36 6.75 -26.27 -0.63
CA HIS C 36 5.47 -26.87 -1.06
C HIS C 36 5.77 -28.04 -2.00
N ARG C 37 4.90 -29.04 -1.97
CA ARG C 37 5.10 -30.33 -2.70
C ARG C 37 4.99 -30.08 -4.20
N ASP C 38 4.49 -28.92 -4.64
CA ASP C 38 4.38 -28.53 -6.07
C ASP C 38 5.68 -27.89 -6.60
N GLY C 39 6.73 -27.83 -5.79
CA GLY C 39 8.02 -27.23 -6.18
C GLY C 39 7.90 -25.73 -6.49
N GLY C 40 6.82 -25.06 -6.09
CA GLY C 40 6.61 -23.62 -6.42
C GLY C 40 5.63 -23.36 -7.53
N HIS C 41 5.04 -24.40 -8.10
CA HIS C 41 4.13 -24.26 -9.28
C HIS C 41 3.02 -23.23 -9.00
N ALA C 42 2.32 -23.34 -7.87
CA ALA C 42 1.14 -22.48 -7.60
C ALA C 42 1.59 -21.09 -7.10
N GLY C 43 2.49 -21.03 -6.12
CA GLY C 43 2.82 -19.77 -5.40
C GLY C 43 4.11 -19.11 -5.85
N GLY C 44 4.96 -19.83 -6.58
CA GLY C 44 6.31 -19.39 -6.97
C GLY C 44 7.41 -19.93 -6.08
N ILE C 45 8.65 -19.68 -6.50
CA ILE C 45 9.85 -20.20 -5.82
C ILE C 45 10.45 -19.05 -5.00
N PHE C 46 10.49 -19.23 -3.67
CA PHE C 46 10.97 -18.21 -2.71
C PHE C 46 11.13 -18.83 -1.32
N ASN C 47 12.01 -18.22 -0.52
CA ASN C 47 12.23 -18.56 0.90
C ASN C 47 11.79 -17.42 1.80
N ARG C 48 11.60 -16.22 1.24
CA ARG C 48 11.20 -15.02 2.03
C ARG C 48 10.49 -14.01 1.13
N TYR C 49 9.89 -13.02 1.76
CA TYR C 49 9.15 -11.92 1.11
C TYR C 49 9.90 -10.61 1.29
N ASN C 50 9.67 -9.71 0.35
CA ASN C 50 9.84 -8.25 0.51
C ASN C 50 8.50 -7.64 0.94
N ILE C 51 8.34 -7.30 2.22
CA ILE C 51 7.11 -6.65 2.74
C ILE C 51 7.16 -5.18 2.36
N LEU C 52 6.19 -4.73 1.59
CA LEU C 52 6.13 -3.33 1.08
C LEU C 52 5.26 -2.48 1.99
N LYS C 53 4.19 -3.04 2.55
CA LYS C 53 3.24 -2.28 3.37
C LYS C 53 2.38 -3.22 4.22
N ILE C 54 2.06 -2.80 5.44
CA ILE C 54 1.07 -3.51 6.29
C ILE C 54 0.07 -2.46 6.74
N GLN C 55 -1.21 -2.67 6.41
CA GLN C 55 -2.32 -1.78 6.80
C GLN C 55 -3.25 -2.47 7.78
N LYS C 56 -3.64 -1.76 8.84
CA LYS C 56 -4.77 -2.17 9.71
C LYS C 56 -6.07 -1.90 8.97
N VAL C 57 -6.99 -2.86 8.98
CA VAL C 57 -8.32 -2.79 8.30
C VAL C 57 -9.35 -2.41 9.36
N CYS C 58 -9.96 -1.22 9.27
CA CYS C 58 -10.87 -0.68 10.31
C CYS C 58 -12.26 -0.51 9.72
N ASN C 59 -13.24 -1.25 10.27
CA ASN C 59 -14.65 -1.22 9.83
C ASN C 59 -15.50 -1.59 11.04
N LYS C 60 -16.15 -0.59 11.64
CA LYS C 60 -16.97 -0.72 12.87
C LYS C 60 -18.07 -1.77 12.63
N LYS C 61 -18.80 -1.67 11.51
CA LYS C 61 -19.93 -2.56 11.20
C LYS C 61 -19.39 -4.00 11.12
N LEU C 62 -18.28 -4.21 10.40
CA LEU C 62 -17.73 -5.58 10.19
C LEU C 62 -17.15 -6.09 11.50
N TRP C 63 -16.58 -5.22 12.34
CA TRP C 63 -16.03 -5.60 13.65
C TRP C 63 -17.18 -6.08 14.57
N GLU C 64 -18.29 -5.36 14.58
CA GLU C 64 -19.48 -5.70 15.42
C GLU C 64 -20.08 -7.04 14.99
N ARG C 65 -20.19 -7.28 13.68
CA ARG C 65 -20.62 -8.57 13.09
C ARG C 65 -19.71 -9.71 13.60
N TYR C 66 -18.40 -9.48 13.64
CA TYR C 66 -17.42 -10.48 14.10
C TYR C 66 -17.59 -10.74 15.61
N THR C 67 -17.62 -9.69 16.43
CA THR C 67 -17.69 -9.82 17.92
C THR C 67 -19.02 -10.43 18.36
N HIS C 68 -20.10 -10.18 17.62
CA HIS C 68 -21.43 -10.76 17.90
C HIS C 68 -21.40 -12.27 17.66
N ARG C 69 -20.82 -12.71 16.54
CA ARG C 69 -20.66 -14.15 16.23
C ARG C 69 -19.69 -14.80 17.23
N ARG C 70 -18.64 -14.09 17.64
CA ARG C 70 -17.61 -14.64 18.56
C ARG C 70 -18.26 -14.95 19.91
N LYS C 71 -19.18 -14.07 20.34
CA LYS C 71 -19.94 -14.20 21.61
C LYS C 71 -20.84 -15.44 21.54
N GLU C 72 -21.53 -15.67 20.41
CA GLU C 72 -22.44 -16.83 20.23
C GLU C 72 -21.59 -18.11 20.26
N VAL C 73 -20.46 -18.11 19.56
CA VAL C 73 -19.60 -19.32 19.47
C VAL C 73 -18.98 -19.59 20.84
N SER C 74 -18.50 -18.55 21.52
CA SER C 74 -17.86 -18.66 22.85
C SER C 74 -18.86 -19.30 23.83
N GLU C 75 -20.13 -18.87 23.81
CA GLU C 75 -21.16 -19.36 24.76
C GLU C 75 -21.50 -20.81 24.44
N GLU C 76 -21.56 -21.19 23.15
CA GLU C 76 -21.86 -22.56 22.68
C GLU C 76 -20.70 -23.48 23.04
N ASN C 77 -19.49 -22.92 23.17
CA ASN C 77 -18.25 -23.70 23.41
C ASN C 77 -17.75 -23.47 24.83
N HIS C 78 -18.66 -23.27 25.79
CA HIS C 78 -18.33 -23.22 27.24
C HIS C 78 -17.33 -22.08 27.51
N ASN C 79 -17.60 -20.90 26.94
CA ASN C 79 -16.84 -19.64 27.18
CA ASN C 79 -16.84 -19.65 27.21
C ASN C 79 -15.43 -19.76 26.60
N HIS C 80 -15.30 -20.38 25.41
CA HIS C 80 -14.01 -20.52 24.69
C HIS C 80 -14.20 -20.23 23.20
N ALA C 81 -13.82 -19.02 22.77
CA ALA C 81 -13.91 -18.61 21.35
C ALA C 81 -12.89 -19.37 20.51
N ASN C 82 -11.75 -19.75 21.08
CA ASN C 82 -10.67 -20.46 20.36
C ASN C 82 -10.26 -19.59 19.16
N GLU C 83 -9.90 -18.34 19.46
CA GLU C 83 -9.62 -17.30 18.44
C GLU C 83 -8.15 -17.37 18.04
N ARG C 84 -7.89 -17.32 16.72
CA ARG C 84 -6.54 -17.43 16.15
C ARG C 84 -6.29 -16.24 15.22
N MET C 85 -5.01 -15.99 14.93
CA MET C 85 -4.59 -15.11 13.81
C MET C 85 -4.05 -16.03 12.70
N LEU C 86 -4.69 -15.99 11.54
CA LEU C 86 -4.39 -16.92 10.41
C LEU C 86 -4.33 -16.14 9.10
N PHE C 87 -3.56 -16.63 8.14
CA PHE C 87 -3.46 -16.03 6.79
C PHE C 87 -4.65 -16.45 5.92
N HIS C 88 -5.01 -15.54 5.02
CA HIS C 88 -5.97 -15.80 3.92
C HIS C 88 -5.44 -15.17 2.62
N GLY C 89 -5.32 -15.98 1.57
CA GLY C 89 -4.99 -15.54 0.22
C GLY C 89 -6.20 -15.71 -0.68
N SER C 90 -6.50 -14.73 -1.51
CA SER C 90 -7.70 -14.81 -2.38
C SER C 90 -7.63 -13.74 -3.45
N PRO C 91 -8.13 -14.04 -4.67
CA PRO C 91 -8.32 -13.00 -5.67
C PRO C 91 -9.37 -11.95 -5.25
N PHE C 92 -10.15 -12.20 -4.19
CA PHE C 92 -11.26 -11.31 -3.76
C PHE C 92 -10.85 -10.45 -2.54
N VAL C 93 -9.56 -10.31 -2.25
CA VAL C 93 -9.07 -9.56 -1.06
C VAL C 93 -9.65 -8.14 -1.05
N ASN C 94 -9.79 -7.49 -2.20
CA ASN C 94 -10.30 -6.10 -2.29
C ASN C 94 -11.79 -6.08 -1.90
N ALA C 95 -12.55 -7.12 -2.24
CA ALA C 95 -13.98 -7.27 -1.86
C ALA C 95 -14.12 -7.62 -0.36
N ILE C 96 -13.19 -8.42 0.19
CA ILE C 96 -13.31 -8.91 1.59
C ILE C 96 -13.13 -7.73 2.57
N ILE C 97 -12.16 -6.87 2.33
CA ILE C 97 -11.86 -5.75 3.27
C ILE C 97 -13.05 -4.76 3.30
N HIS C 98 -13.88 -4.70 2.27
CA HIS C 98 -15.01 -3.73 2.18
C HIS C 98 -16.31 -4.36 2.69
N LYS C 99 -16.59 -5.62 2.32
CA LYS C 99 -17.91 -6.26 2.54
C LYS C 99 -17.79 -7.39 3.58
N GLY C 100 -16.57 -7.78 3.97
CA GLY C 100 -16.35 -8.88 4.92
C GLY C 100 -16.36 -10.22 4.23
N PHE C 101 -16.10 -11.29 4.96
CA PHE C 101 -16.18 -12.67 4.43
C PHE C 101 -17.66 -13.09 4.35
N ASP C 102 -18.02 -13.80 3.28
CA ASP C 102 -19.33 -14.51 3.15
C ASP C 102 -19.20 -15.63 2.10
N GLU C 103 -20.30 -16.30 1.77
CA GLU C 103 -20.37 -17.47 0.83
C GLU C 103 -19.53 -17.22 -0.44
N ARG C 104 -19.45 -15.99 -0.94
CA ARG C 104 -18.73 -15.66 -2.21
C ARG C 104 -17.23 -15.94 -2.09
N HIS C 105 -16.70 -16.03 -0.87
CA HIS C 105 -15.24 -16.21 -0.58
C HIS C 105 -14.96 -17.68 -0.21
N ALA C 106 -15.99 -18.54 -0.23
CA ALA C 106 -15.88 -19.99 0.02
C ALA C 106 -15.14 -20.68 -1.13
N TYR C 107 -14.40 -21.73 -0.80
CA TYR C 107 -13.70 -22.65 -1.72
C TYR C 107 -14.54 -23.92 -1.78
N ILE C 108 -15.40 -24.00 -2.79
CA ILE C 108 -16.45 -25.05 -2.96
C ILE C 108 -15.75 -26.41 -2.94
N GLY C 109 -14.61 -26.53 -3.63
CA GLY C 109 -13.91 -27.80 -3.84
C GLY C 109 -12.75 -28.02 -2.88
N GLY C 110 -12.74 -27.33 -1.74
CA GLY C 110 -11.71 -27.53 -0.70
C GLY C 110 -11.78 -28.93 -0.12
N MET C 111 -10.64 -29.47 0.32
CA MET C 111 -10.47 -30.85 0.84
C MET C 111 -11.30 -31.13 2.11
N PHE C 112 -11.83 -30.10 2.79
CA PHE C 112 -12.69 -30.23 4.00
C PHE C 112 -14.04 -29.58 3.75
N GLY C 113 -14.51 -29.56 2.50
CA GLY C 113 -15.85 -29.10 2.10
C GLY C 113 -15.91 -27.61 1.82
N ALA C 114 -17.06 -27.14 1.35
CA ALA C 114 -17.32 -25.76 0.85
C ALA C 114 -17.35 -24.79 2.04
N GLY C 115 -16.19 -24.21 2.34
CA GLY C 115 -16.02 -23.26 3.45
C GLY C 115 -14.96 -22.22 3.14
N ILE C 116 -14.65 -21.37 4.10
CA ILE C 116 -13.60 -20.34 3.95
C ILE C 116 -12.34 -20.87 4.64
N TYR C 117 -11.25 -20.97 3.89
CA TYR C 117 -9.97 -21.62 4.27
C TYR C 117 -8.96 -20.58 4.73
N PHE C 118 -8.22 -20.91 5.79
CA PHE C 118 -7.17 -20.09 6.41
C PHE C 118 -5.99 -21.01 6.68
N ALA C 119 -4.79 -20.45 6.67
CA ALA C 119 -3.52 -21.18 6.84
C ALA C 119 -2.67 -20.55 7.95
N GLU C 120 -1.96 -21.40 8.69
CA GLU C 120 -0.85 -20.99 9.57
C GLU C 120 0.39 -20.64 8.73
N ASN C 121 0.62 -21.31 7.59
CA ASN C 121 1.76 -21.03 6.68
C ASN C 121 1.37 -19.89 5.74
N SER C 122 2.05 -18.75 5.84
CA SER C 122 1.83 -17.61 4.91
C SER C 122 2.03 -18.12 3.46
N SER C 123 2.95 -19.06 3.24
CA SER C 123 3.29 -19.56 1.88
C SER C 123 2.16 -20.43 1.33
N LYS C 124 1.34 -21.05 2.17
CA LYS C 124 0.13 -21.79 1.74
C LYS C 124 -0.91 -20.79 1.22
N SER C 125 -1.15 -19.70 1.95
CA SER C 125 -2.10 -18.63 1.53
C SER C 125 -1.60 -17.97 0.24
N ASN C 126 -0.28 -17.83 0.07
CA ASN C 126 0.34 -17.19 -1.12
C ASN C 126 -0.05 -17.98 -2.37
N GLN C 127 -0.24 -19.29 -2.27
CA GLN C 127 -0.65 -20.13 -3.43
C GLN C 127 -2.03 -19.74 -3.98
N TYR C 128 -2.85 -18.97 -3.24
CA TYR C 128 -4.26 -18.66 -3.62
C TYR C 128 -4.44 -17.20 -4.03
N VAL C 129 -3.38 -16.41 -3.95
CA VAL C 129 -3.43 -14.95 -4.26
C VAL C 129 -3.93 -14.72 -5.69
N TYR C 130 -3.49 -15.54 -6.64
CA TYR C 130 -3.88 -15.40 -8.08
C TYR C 130 -4.97 -16.42 -8.45
N GLY C 131 -5.62 -17.03 -7.46
CA GLY C 131 -6.74 -17.97 -7.67
C GLY C 131 -6.35 -19.38 -7.27
N ILE C 132 -7.26 -20.34 -7.43
CA ILE C 132 -7.01 -21.79 -7.13
C ILE C 132 -5.80 -22.28 -7.97
N GLY C 133 -4.86 -22.99 -7.35
CA GLY C 133 -3.62 -23.47 -7.98
C GLY C 133 -2.75 -22.35 -8.54
N GLY C 134 -2.93 -21.11 -8.03
CA GLY C 134 -2.25 -19.90 -8.51
C GLY C 134 -2.84 -19.36 -9.82
N GLY C 135 -3.94 -19.93 -10.31
CA GLY C 135 -4.58 -19.50 -11.57
C GLY C 135 -3.55 -19.47 -12.69
N THR C 136 -3.45 -18.36 -13.42
CA THR C 136 -2.46 -18.13 -14.50
C THR C 136 -1.38 -17.14 -14.02
N GLY C 137 -1.25 -16.96 -12.69
CA GLY C 137 -0.28 -16.05 -12.07
C GLY C 137 -0.66 -14.58 -12.25
N CYS C 138 0.32 -13.70 -12.19
CA CYS C 138 0.08 -12.23 -12.17
C CYS C 138 -0.63 -11.83 -13.45
N PRO C 139 -1.52 -10.81 -13.40
CA PRO C 139 -2.17 -10.29 -14.61
C PRO C 139 -1.19 -9.83 -15.69
N VAL C 140 -0.11 -9.18 -15.30
CA VAL C 140 0.79 -8.47 -16.24
C VAL C 140 1.70 -9.47 -16.97
N HIS C 141 2.26 -10.45 -16.27
CA HIS C 141 3.28 -11.35 -16.87
C HIS C 141 2.76 -12.79 -17.00
N LYS C 142 1.57 -13.11 -16.48
CA LYS C 142 1.03 -14.51 -16.44
C LYS C 142 2.08 -15.45 -15.82
N ASP C 143 2.69 -15.03 -14.72
CA ASP C 143 3.82 -15.75 -14.07
C ASP C 143 3.39 -16.03 -12.62
N ARG C 144 3.24 -17.30 -12.24
CA ARG C 144 2.82 -17.66 -10.86
C ARG C 144 4.00 -17.37 -9.93
N SER C 145 5.22 -17.29 -10.47
CA SER C 145 6.45 -17.00 -9.70
C SER C 145 6.93 -15.56 -9.96
N CYS C 146 6.04 -14.65 -10.30
CA CYS C 146 6.45 -13.25 -10.64
C CYS C 146 7.12 -12.61 -9.42
N TYR C 147 8.36 -12.09 -9.59
CA TYR C 147 9.13 -11.37 -8.53
C TYR C 147 8.94 -9.85 -8.63
N ILE C 148 8.16 -9.38 -9.60
CA ILE C 148 8.01 -7.92 -9.89
C ILE C 148 6.68 -7.46 -9.28
N CYS C 149 5.59 -8.14 -9.60
CA CYS C 149 4.23 -7.64 -9.32
C CYS C 149 3.91 -7.76 -7.83
N HIS C 150 3.19 -6.78 -7.33
CA HIS C 150 2.78 -6.67 -5.90
C HIS C 150 1.65 -7.65 -5.62
N ARG C 151 1.78 -8.43 -4.55
CA ARG C 151 0.75 -9.36 -4.03
C ARG C 151 0.14 -8.81 -2.75
N GLN C 152 -1.06 -9.26 -2.41
CA GLN C 152 -1.69 -8.90 -1.11
C GLN C 152 -2.14 -10.18 -0.41
N LEU C 153 -1.94 -10.26 0.91
CA LEU C 153 -2.48 -11.33 1.79
C LEU C 153 -3.24 -10.64 2.91
N LEU C 154 -4.20 -11.34 3.49
CA LEU C 154 -4.87 -10.90 4.75
C LEU C 154 -4.30 -11.72 5.89
N PHE C 155 -4.11 -11.06 7.04
CA PHE C 155 -3.83 -11.71 8.33
C PHE C 155 -5.05 -11.43 9.20
N CYS C 156 -5.80 -12.48 9.51
CA CYS C 156 -7.21 -12.39 9.97
C CYS C 156 -7.37 -12.92 11.40
N ARG C 157 -8.31 -12.32 12.11
CA ARG C 157 -8.79 -12.85 13.40
C ARG C 157 -9.88 -13.89 13.07
N VAL C 158 -9.70 -15.14 13.49
CA VAL C 158 -10.63 -16.26 13.14
C VAL C 158 -11.11 -16.96 14.43
N THR C 159 -12.42 -17.06 14.58
CA THR C 159 -13.07 -17.76 15.72
C THR C 159 -13.26 -19.23 15.30
N LEU C 160 -12.54 -20.15 15.93
CA LEU C 160 -12.63 -21.59 15.57
C LEU C 160 -13.72 -22.31 16.39
N GLY C 161 -13.99 -21.84 17.61
CA GLY C 161 -14.90 -22.54 18.55
C GLY C 161 -14.47 -23.99 18.75
N LYS C 162 -15.43 -24.91 18.76
CA LYS C 162 -15.17 -26.37 18.82
C LYS C 162 -14.76 -26.80 17.41
N SER C 163 -13.47 -27.10 17.22
CA SER C 163 -12.91 -27.40 15.88
C SER C 163 -12.80 -28.92 15.72
N PHE C 164 -13.33 -29.44 14.62
CA PHE C 164 -13.22 -30.87 14.28
C PHE C 164 -11.82 -31.17 13.74
N LEU C 165 -11.08 -32.06 14.39
CA LEU C 165 -9.72 -32.43 13.93
C LEU C 165 -9.81 -33.43 12.77
N GLN C 166 -9.36 -33.03 11.58
CA GLN C 166 -9.28 -33.90 10.38
C GLN C 166 -7.80 -34.02 10.01
N PHE C 167 -7.25 -35.22 10.08
CA PHE C 167 -5.89 -35.51 9.54
C PHE C 167 -6.01 -35.61 8.02
N SER C 168 -5.01 -35.09 7.32
CA SER C 168 -4.93 -35.01 5.84
C SER C 168 -3.63 -35.66 5.40
N ALA C 169 -3.62 -36.35 4.26
CA ALA C 169 -2.48 -37.14 3.75
C ALA C 169 -1.39 -36.23 3.15
N MET C 170 -1.51 -34.89 3.30
CA MET C 170 -0.60 -33.89 2.67
C MET C 170 0.69 -33.75 3.49
N ALA D 2 -21.18 -25.83 2.88
CA ALA D 2 -21.61 -24.63 3.64
C ALA D 2 -22.33 -25.04 4.93
N HIS D 3 -21.78 -26.02 5.67
CA HIS D 3 -22.30 -26.50 6.99
C HIS D 3 -21.18 -27.20 7.79
N SER D 4 -21.01 -26.79 9.05
CA SER D 4 -19.96 -27.28 9.98
C SER D 4 -20.31 -28.69 10.46
N PRO D 5 -19.32 -29.54 10.85
CA PRO D 5 -19.63 -30.83 11.48
C PRO D 5 -20.51 -30.68 12.72
N PRO D 6 -21.58 -31.51 12.89
CA PRO D 6 -22.48 -31.41 14.04
C PRO D 6 -21.78 -31.17 15.38
N GLY D 7 -22.16 -30.10 16.08
CA GLY D 7 -21.61 -29.69 17.39
C GLY D 7 -20.28 -28.97 17.25
N HIS D 8 -19.82 -28.69 16.03
CA HIS D 8 -18.51 -28.05 15.74
C HIS D 8 -18.72 -26.72 15.02
N HIS D 9 -17.76 -25.80 15.13
CA HIS D 9 -17.81 -24.42 14.55
C HIS D 9 -16.76 -24.26 13.44
N SER D 10 -15.89 -25.23 13.24
CA SER D 10 -14.79 -25.19 12.24
C SER D 10 -14.19 -26.58 12.09
N VAL D 11 -13.31 -26.72 11.08
CA VAL D 11 -12.48 -27.93 10.86
C VAL D 11 -11.03 -27.50 10.93
N THR D 12 -10.23 -28.28 11.65
CA THR D 12 -8.75 -28.18 11.67
C THR D 12 -8.21 -29.26 10.74
N GLY D 13 -7.58 -28.84 9.64
CA GLY D 13 -6.95 -29.71 8.64
C GLY D 13 -5.48 -29.84 8.94
N ARG D 14 -5.08 -30.96 9.52
CA ARG D 14 -3.70 -31.15 10.03
C ARG D 14 -2.96 -32.11 9.12
N PRO D 15 -1.97 -31.65 8.32
CA PRO D 15 -1.18 -32.57 7.49
C PRO D 15 -0.53 -33.65 8.36
N SER D 16 -0.67 -34.91 7.96
CA SER D 16 -0.18 -36.12 8.69
C SER D 16 1.13 -36.66 8.08
N VAL D 17 1.50 -36.25 6.85
CA VAL D 17 2.68 -36.81 6.14
C VAL D 17 3.87 -35.85 6.26
N ASN D 18 3.69 -34.60 5.82
CA ASN D 18 4.70 -33.52 5.95
C ASN D 18 4.67 -32.94 7.36
N GLY D 19 5.65 -33.30 8.20
CA GLY D 19 5.76 -32.79 9.58
C GLY D 19 6.14 -31.32 9.64
N LEU D 20 6.61 -30.73 8.53
CA LEU D 20 6.97 -29.29 8.48
C LEU D 20 5.76 -28.44 8.08
N ALA D 21 4.68 -29.04 7.59
CA ALA D 21 3.49 -28.30 7.12
C ALA D 21 2.63 -27.96 8.33
N LEU D 22 2.21 -26.70 8.45
CA LEU D 22 1.32 -26.27 9.55
C LEU D 22 -0.14 -26.50 9.16
N ALA D 23 -1.04 -26.26 10.10
CA ALA D 23 -2.49 -26.57 9.96
C ALA D 23 -3.15 -25.59 9.00
N GLU D 24 -4.25 -26.06 8.42
CA GLU D 24 -5.22 -25.27 7.64
C GLU D 24 -6.54 -25.36 8.40
N TYR D 25 -7.37 -24.32 8.32
CA TYR D 25 -8.63 -24.22 9.08
C TYR D 25 -9.73 -23.76 8.15
N VAL D 26 -10.93 -24.28 8.39
CA VAL D 26 -12.14 -24.01 7.58
C VAL D 26 -13.23 -23.55 8.52
N ILE D 27 -13.86 -22.43 8.17
CA ILE D 27 -15.09 -21.94 8.84
C ILE D 27 -16.19 -21.93 7.78
N TYR D 28 -17.44 -22.05 8.23
CA TYR D 28 -18.61 -22.19 7.34
C TYR D 28 -19.53 -20.96 7.47
N ARG D 29 -19.13 -20.01 8.30
CA ARG D 29 -19.83 -18.72 8.53
C ARG D 29 -18.80 -17.59 8.32
N GLY D 30 -19.05 -16.66 7.39
CA GLY D 30 -18.17 -15.52 7.12
C GLY D 30 -17.98 -14.65 8.36
N GLU D 31 -18.98 -14.62 9.24
CA GLU D 31 -18.99 -13.82 10.49
C GLU D 31 -17.91 -14.27 11.47
N GLN D 32 -17.36 -15.48 11.32
CA GLN D 32 -16.32 -16.01 12.24
C GLN D 32 -14.92 -15.55 11.83
N ALA D 33 -14.79 -14.60 10.89
CA ALA D 33 -13.42 -14.11 10.54
C ALA D 33 -13.47 -12.60 10.30
N TYR D 34 -12.42 -11.90 10.71
CA TYR D 34 -12.32 -10.44 10.50
C TYR D 34 -10.97 -10.17 9.86
N PRO D 35 -10.91 -9.46 8.71
CA PRO D 35 -9.66 -9.27 7.99
C PRO D 35 -8.84 -8.13 8.61
N GLU D 36 -8.07 -8.43 9.65
CA GLU D 36 -7.48 -7.40 10.53
C GLU D 36 -6.33 -6.65 9.84
N TYR D 37 -5.47 -7.35 9.09
CA TYR D 37 -4.29 -6.75 8.42
C TYR D 37 -4.30 -7.09 6.94
N LEU D 38 -4.00 -6.08 6.13
CA LEU D 38 -3.75 -6.21 4.67
C LEU D 38 -2.25 -6.01 4.43
N ILE D 39 -1.60 -7.05 3.92
CA ILE D 39 -0.14 -7.10 3.72
C ILE D 39 0.11 -7.03 2.21
N THR D 40 0.90 -6.06 1.78
CA THR D 40 1.35 -5.89 0.38
C THR D 40 2.82 -6.29 0.31
N TYR D 41 3.17 -7.18 -0.63
CA TYR D 41 4.51 -7.82 -0.65
C TYR D 41 4.88 -8.30 -2.06
N GLN D 42 6.17 -8.59 -2.21
CA GLN D 42 6.69 -9.38 -3.35
C GLN D 42 7.30 -10.66 -2.79
N ILE D 43 7.23 -11.75 -3.54
CA ILE D 43 8.10 -12.91 -3.22
C ILE D 43 9.50 -12.56 -3.71
N MET D 44 10.55 -13.03 -3.02
CA MET D 44 11.96 -12.72 -3.38
C MET D 44 12.62 -13.92 -4.06
N ARG D 45 13.30 -13.67 -5.18
CA ARG D 45 14.06 -14.74 -5.89
C ARG D 45 15.20 -15.21 -4.98
N PRO D 46 15.34 -16.53 -4.70
CA PRO D 46 16.47 -17.04 -3.93
C PRO D 46 17.81 -16.67 -4.60
N GLU D 47 18.86 -16.41 -3.81
CA GLU D 47 20.19 -16.01 -4.32
C GLU D 47 21.11 -17.23 -4.41
#